data_9GZC
#
_entry.id   9GZC
#
_cell.length_a   93.148
_cell.length_b   62.203
_cell.length_c   118.952
_cell.angle_alpha   90.000
_cell.angle_beta   101.410
_cell.angle_gamma   90.000
#
_symmetry.space_group_name_H-M   'C 1 2 1'
#
loop_
_entity.id
_entity.type
_entity.pdbx_description
1 polymer 'Peroxisome proliferator-activated receptor gamma'
2 non-polymer '4-[5-chloranyl-1-[2-chloranyl-6-(trifluoromethyl)phenyl]carbonyl-indazol-3-yl]-3-[(3-methoxyphenyl)methoxy]benzoic acid'
3 water water
#
_entity_poly.entity_id   1
_entity_poly.type   'polypeptide(L)'
_entity_poly.pdbx_seq_one_letter_code
;GSHMESADLRALAKHLYDSYIKSFPLTKAKARAILTGKTTDKSPFVIYDMNSLMMGEDKIKFKHITPLQEQSKEVAIRIF
QGCQFRSVEAVQEITEYAKSIPGFVNLDLNDQVTLLKYGVHEIIYTMLASLMNKDGVLISEGQGFMTREFLKSLRKPFGD
FMEPKFEFAVKFNALELDDSDLAIFIAVIILSGDRPGLLNVKPIEDIQDNLLQALELQLKLNHPESSQLFAKLLQKMTDL
RQIVTEHVQLLQVIKKTETDMSLHPLLQEIYKDLY
;
_entity_poly.pdbx_strand_id   B,A
#
loop_
_chem_comp.id
_chem_comp.type
_chem_comp.name
_chem_comp.formula
A1IQ3 non-polymer '4-[5-chloranyl-1-[2-chloranyl-6-(trifluoromethyl)phenyl]carbonyl-indazol-3-yl]-3-[(3-methoxyphenyl)methoxy]benzoic acid' 'C30 H19 Cl2 F3 N2 O5'
#
# COMPACT_ATOMS: atom_id res chain seq x y z
N MET A 4 -2.72 -3.02 26.81
CA MET A 4 -1.68 -2.17 27.39
C MET A 4 -2.30 -0.93 28.07
N GLU A 5 -1.81 -0.60 29.26
CA GLU A 5 -2.28 0.58 29.96
C GLU A 5 -1.85 1.85 29.23
N SER A 6 -2.66 2.90 29.34
CA SER A 6 -2.35 4.15 28.66
C SER A 6 -1.00 4.68 29.10
N ALA A 7 -0.75 4.67 30.42
CA ALA A 7 0.55 5.10 30.93
C ALA A 7 1.70 4.35 30.26
N ASP A 8 1.51 3.05 29.97
CA ASP A 8 2.56 2.27 29.34
C ASP A 8 2.81 2.70 27.90
N LEU A 9 1.76 3.06 27.18
CA LEU A 9 1.94 3.56 25.82
C LEU A 9 2.67 4.90 25.82
N ARG A 10 2.36 5.76 26.79
CA ARG A 10 3.09 7.03 26.87
C ARG A 10 4.56 6.79 27.20
N ALA A 11 4.86 5.85 28.11
CA ALA A 11 6.25 5.54 28.41
C ALA A 11 6.97 5.06 27.18
N LEU A 12 6.30 4.19 26.40
CA LEU A 12 6.89 3.66 25.18
C LEU A 12 7.11 4.77 24.15
N ALA A 13 6.11 5.64 23.97
CA ALA A 13 6.29 6.79 23.08
C ALA A 13 7.48 7.64 23.52
N LYS A 14 7.56 7.96 24.81
CA LYS A 14 8.68 8.75 25.31
C LYS A 14 10.00 8.06 25.02
N HIS A 15 10.07 6.77 25.29
CA HIS A 15 11.32 6.03 25.10
C HIS A 15 11.79 6.13 23.66
N LEU A 16 10.86 6.01 22.71
CA LEU A 16 11.21 6.06 21.30
C LEU A 16 11.65 7.45 20.88
N TYR A 17 10.95 8.48 21.37
CA TYR A 17 11.36 9.84 21.06
C TYR A 17 12.77 10.11 21.57
N ASP A 18 13.00 9.91 22.86
CA ASP A 18 14.35 10.05 23.42
C ASP A 18 15.38 9.32 22.58
N SER A 19 15.06 8.11 22.13
CA SER A 19 16.02 7.36 21.35
C SER A 19 16.16 7.92 19.93
N TYR A 20 15.05 8.34 19.32
CA TYR A 20 15.11 8.95 18.00
C TYR A 20 16.00 10.21 18.01
N ILE A 21 15.95 10.99 19.09
CA ILE A 21 16.81 12.16 19.20
C ILE A 21 18.29 11.77 19.28
N LYS A 22 18.61 10.69 20.00
CA LYS A 22 20.03 10.31 20.11
C LYS A 22 20.55 9.70 18.81
N SER A 23 19.66 9.19 17.96
CA SER A 23 20.08 8.44 16.78
C SER A 23 20.24 9.29 15.54
N PHE A 24 19.41 10.31 15.37
CA PHE A 24 19.34 11.09 14.15
C PHE A 24 19.89 12.48 14.38
N PRO A 25 20.86 12.90 13.59
CA PRO A 25 21.56 14.16 13.90
C PRO A 25 20.67 15.37 13.70
N LEU A 26 19.97 15.37 12.58
CA LEU A 26 19.21 16.49 12.09
C LEU A 26 17.75 16.07 12.21
N THR A 27 17.07 16.62 13.19
CA THR A 27 15.68 16.26 13.44
C THR A 27 14.74 17.06 12.53
N LYS A 28 13.47 16.67 12.54
CA LYS A 28 12.52 17.40 11.72
C LYS A 28 12.31 18.82 12.25
N ALA A 29 12.33 19.00 13.58
CA ALA A 29 12.14 20.36 14.11
C ALA A 29 13.32 21.25 13.74
N LYS A 30 14.56 20.74 13.87
CA LYS A 30 15.70 21.53 13.42
C LYS A 30 15.61 21.82 11.93
N ALA A 31 15.28 20.81 11.12
CA ALA A 31 15.15 21.01 9.68
C ALA A 31 14.14 22.10 9.36
N ARG A 32 13.01 22.12 10.06
CA ARG A 32 11.96 23.07 9.73
C ARG A 32 12.30 24.49 10.15
N ALA A 33 13.03 24.66 11.26
CA ALA A 33 13.52 25.99 11.58
C ALA A 33 14.38 26.53 10.45
N ILE A 34 15.21 25.68 9.85
CA ILE A 34 16.11 26.12 8.78
C ILE A 34 15.35 26.45 7.51
N LEU A 35 14.43 25.59 7.10
CA LEU A 35 13.77 25.84 5.82
C LEU A 35 12.83 27.03 5.87
N THR A 36 12.38 27.42 7.06
CA THR A 36 11.39 28.48 7.26
C THR A 36 12.02 29.81 7.62
N GLY A 37 13.35 29.90 7.58
CA GLY A 37 14.02 31.16 7.90
C GLY A 37 13.88 31.57 9.35
N LYS A 38 13.80 30.59 10.26
CA LYS A 38 13.55 30.80 11.68
C LYS A 38 14.77 30.36 12.49
N THR A 39 15.96 30.70 12.00
CA THR A 39 17.21 30.34 12.66
C THR A 39 18.29 31.39 12.38
N LYS A 42 22.70 32.08 10.36
CA LYS A 42 23.10 30.68 10.29
C LYS A 42 22.41 30.02 9.10
N SER A 43 22.46 30.73 7.84
CA SER A 43 21.69 30.34 6.67
C SER A 43 22.44 29.27 5.85
N PRO A 44 21.70 28.35 5.26
CA PRO A 44 22.36 27.29 4.50
C PRO A 44 22.78 27.79 3.14
N PHE A 45 23.84 27.21 2.61
CA PHE A 45 24.26 27.52 1.24
C PHE A 45 23.28 26.93 0.23
N VAL A 46 22.88 27.71 -0.76
CA VAL A 46 21.84 27.29 -1.69
C VAL A 46 22.48 26.88 -3.01
N ILE A 47 22.15 25.67 -3.47
CA ILE A 47 22.59 25.18 -4.77
C ILE A 47 21.38 25.25 -5.70
N TYR A 48 21.48 26.05 -6.75
CA TYR A 48 20.33 26.25 -7.62
C TYR A 48 20.68 26.09 -9.09
N ASP A 49 21.95 25.88 -9.43
CA ASP A 49 22.40 25.75 -10.80
C ASP A 49 23.83 25.20 -10.80
N MET A 50 24.38 25.02 -12.00
CA MET A 50 25.74 24.50 -12.15
C MET A 50 26.77 25.31 -11.36
N ASN A 51 26.77 26.64 -11.54
CA ASN A 51 27.81 27.47 -10.92
C ASN A 51 27.78 27.39 -9.39
N SER A 52 26.58 27.42 -8.79
CA SER A 52 26.51 27.35 -7.34
C SER A 52 26.82 25.95 -6.83
N LEU A 53 26.62 24.92 -7.65
CA LEU A 53 27.06 23.59 -7.26
C LEU A 53 28.57 23.54 -7.07
N MET A 54 29.31 24.07 -8.05
CA MET A 54 30.77 24.05 -7.97
C MET A 54 31.29 24.83 -6.78
N MET A 55 30.72 26.01 -6.51
CA MET A 55 31.05 26.74 -5.30
C MET A 55 30.64 25.96 -4.06
N GLY A 56 29.51 25.25 -4.13
CA GLY A 56 28.98 24.59 -2.94
C GLY A 56 29.83 23.43 -2.45
N GLU A 57 30.39 22.64 -3.37
CA GLU A 57 31.26 21.57 -2.88
C GLU A 57 32.55 22.12 -2.30
N ASP A 58 32.91 23.35 -2.70
CA ASP A 58 34.15 23.92 -2.20
C ASP A 58 33.93 24.53 -0.84
N LYS A 59 32.79 25.20 -0.65
CA LYS A 59 32.39 25.81 0.61
C LYS A 59 31.82 24.78 1.60
N ILE A 60 30.90 23.92 1.15
CA ILE A 60 30.17 23.03 2.06
C ILE A 60 31.02 21.85 2.52
N LYS A 61 31.95 21.37 1.67
CA LYS A 61 32.86 20.27 1.98
C LYS A 61 32.16 18.91 2.09
N PHE A 62 32.01 18.25 0.96
CA PHE A 62 31.33 16.98 0.88
C PHE A 62 32.29 15.85 1.18
N LYS A 63 31.74 14.71 1.56
CA LYS A 63 32.53 13.52 1.79
C LYS A 63 32.38 12.51 0.66
N HIS A 64 31.42 12.71 -0.23
CA HIS A 64 31.14 11.86 -1.39
C HIS A 64 32.07 12.12 -2.58
N ILE A 65 33.04 13.03 -2.48
CA ILE A 65 33.67 13.60 -3.68
C ILE A 65 35.03 12.93 -3.97
N THR A 66 35.08 12.19 -5.09
CA THR A 66 36.32 11.57 -5.59
C THR A 66 37.46 12.57 -5.70
N GLU A 74 30.87 13.54 -14.07
CA GLU A 74 29.78 14.36 -14.59
C GLU A 74 28.97 14.85 -13.40
N VAL A 75 28.20 15.91 -13.62
CA VAL A 75 27.48 16.56 -12.53
C VAL A 75 26.40 15.66 -11.96
N ALA A 76 25.48 15.20 -12.82
CA ALA A 76 24.32 14.45 -12.33
C ALA A 76 24.75 13.19 -11.59
N ILE A 77 25.83 12.55 -12.02
CA ILE A 77 26.34 11.38 -11.31
C ILE A 77 26.81 11.79 -9.91
N ARG A 78 27.61 12.84 -9.82
CA ARG A 78 28.12 13.26 -8.50
C ARG A 78 26.99 13.55 -7.53
N ILE A 79 25.94 14.23 -7.99
CA ILE A 79 24.80 14.48 -7.12
C ILE A 79 24.15 13.15 -6.72
N PHE A 80 24.06 12.21 -7.66
CA PHE A 80 23.53 10.89 -7.34
C PHE A 80 24.37 10.22 -6.25
N GLN A 81 25.69 10.25 -6.39
CA GLN A 81 26.57 9.64 -5.41
C GLN A 81 26.47 10.31 -4.04
N GLY A 82 26.13 11.61 -3.98
CA GLY A 82 25.92 12.23 -2.69
C GLY A 82 24.65 11.77 -2.00
N CYS A 83 23.62 11.46 -2.79
CA CYS A 83 22.41 10.83 -2.25
C CYS A 83 22.74 9.45 -1.70
N GLN A 84 23.49 8.67 -2.49
CA GLN A 84 23.85 7.32 -2.06
C GLN A 84 24.65 7.36 -0.78
N PHE A 85 25.67 8.22 -0.73
CA PHE A 85 26.47 8.37 0.49
C PHE A 85 25.59 8.61 1.70
N ARG A 86 24.67 9.55 1.57
CA ARG A 86 23.85 9.94 2.70
C ARG A 86 22.88 8.84 3.10
N SER A 87 22.36 8.10 2.12
CA SER A 87 21.50 6.96 2.43
C SER A 87 22.25 5.91 3.25
N VAL A 88 23.48 5.58 2.84
CA VAL A 88 24.30 4.65 3.60
C VAL A 88 24.45 5.12 5.05
N GLU A 89 24.69 6.42 5.25
CA GLU A 89 24.76 6.92 6.61
C GLU A 89 23.42 6.75 7.33
N ALA A 90 22.33 7.10 6.65
CA ALA A 90 21.00 6.91 7.23
C ALA A 90 20.79 5.45 7.67
N VAL A 91 21.15 4.49 6.81
CA VAL A 91 20.93 3.07 7.12
C VAL A 91 21.52 2.70 8.47
N GLN A 92 22.77 3.15 8.73
CA GLN A 92 23.39 2.94 10.04
C GLN A 92 22.65 3.71 11.13
N GLU A 93 22.11 4.88 10.84
CA GLU A 93 21.39 5.57 11.88
C GLU A 93 20.10 4.84 12.24
N ILE A 94 19.38 4.35 11.23
CA ILE A 94 18.15 3.60 11.45
C ILE A 94 18.43 2.30 12.20
N THR A 95 19.56 1.66 11.85
CA THR A 95 19.95 0.42 12.50
C THR A 95 20.21 0.63 13.98
N GLU A 96 20.89 1.73 14.32
CA GLU A 96 21.10 2.01 15.73
C GLU A 96 19.77 2.23 16.43
N TYR A 97 18.89 2.99 15.80
CA TYR A 97 17.61 3.30 16.42
C TYR A 97 16.80 2.04 16.65
N ALA A 98 16.83 1.09 15.70
CA ALA A 98 16.08 -0.16 15.83
C ALA A 98 16.42 -0.88 17.13
N LYS A 99 17.71 -0.96 17.46
CA LYS A 99 18.14 -1.66 18.67
C LYS A 99 17.49 -1.07 19.91
N SER A 100 16.98 0.15 19.80
CA SER A 100 16.28 0.75 20.92
C SER A 100 14.80 0.41 20.97
N ILE A 101 14.23 -0.17 19.92
CA ILE A 101 12.82 -0.55 19.94
C ILE A 101 12.66 -1.73 20.91
N PRO A 102 11.89 -1.58 21.98
CA PRO A 102 11.73 -2.70 22.94
C PRO A 102 11.33 -4.03 22.32
N GLY A 103 12.21 -5.01 22.46
CA GLY A 103 12.01 -6.34 21.94
C GLY A 103 12.80 -6.62 20.68
N PHE A 104 13.15 -5.57 19.92
CA PHE A 104 13.83 -5.80 18.66
C PHE A 104 15.06 -6.70 18.85
N VAL A 105 15.91 -6.37 19.82
CA VAL A 105 17.18 -7.07 19.95
C VAL A 105 16.99 -8.52 20.43
N ASN A 106 15.84 -8.86 20.96
CA ASN A 106 15.59 -10.25 21.35
C ASN A 106 15.02 -11.08 20.23
N LEU A 107 14.67 -10.49 19.11
CA LEU A 107 14.24 -11.31 17.99
C LEU A 107 15.43 -12.08 17.43
N ASP A 108 15.13 -13.21 16.81
CA ASP A 108 16.09 -13.96 16.01
C ASP A 108 16.97 -13.04 15.19
N LEU A 109 18.27 -13.33 15.20
CA LEU A 109 19.25 -12.46 14.56
C LEU A 109 18.96 -12.30 13.08
N ASN A 110 18.61 -13.39 12.39
CA ASN A 110 18.29 -13.31 10.97
C ASN A 110 17.12 -12.38 10.69
N ASP A 111 16.13 -12.36 11.59
CA ASP A 111 14.90 -11.60 11.37
C ASP A 111 15.17 -10.12 11.58
N GLN A 112 16.01 -9.80 12.57
CA GLN A 112 16.55 -8.45 12.67
C GLN A 112 17.13 -8.00 11.33
N VAL A 113 18.01 -8.81 10.76
CA VAL A 113 18.62 -8.45 9.47
C VAL A 113 17.55 -8.29 8.40
N THR A 114 16.62 -9.25 8.31
CA THR A 114 15.56 -9.15 7.31
C THR A 114 14.72 -7.89 7.49
N LEU A 115 14.37 -7.55 8.74
CA LEU A 115 13.52 -6.39 8.96
C LEU A 115 14.25 -5.14 8.50
N LEU A 116 15.50 -4.95 8.94
CA LEU A 116 16.27 -3.80 8.51
C LEU A 116 16.47 -3.80 7.00
N LYS A 117 16.79 -4.95 6.43
CA LYS A 117 17.03 -5.01 4.98
C LYS A 117 15.90 -4.37 4.20
N TYR A 118 14.63 -4.72 4.54
CA TYR A 118 13.49 -4.16 3.81
C TYR A 118 12.95 -2.88 4.41
N GLY A 119 13.34 -2.53 5.62
CA GLY A 119 12.69 -1.38 6.22
C GLY A 119 13.43 -0.07 5.95
N VAL A 120 14.73 -0.15 5.67
CA VAL A 120 15.54 1.06 5.62
C VAL A 120 15.08 1.97 4.48
N HIS A 121 14.73 1.39 3.33
CA HIS A 121 14.33 2.26 2.22
C HIS A 121 13.06 3.03 2.55
N GLU A 122 12.07 2.37 3.17
CA GLU A 122 10.84 3.07 3.50
C GLU A 122 11.07 4.16 4.54
N ILE A 123 11.97 3.90 5.49
CA ILE A 123 12.27 4.91 6.51
C ILE A 123 13.09 6.06 5.93
N ILE A 124 14.03 5.76 5.04
CA ILE A 124 14.82 6.83 4.44
C ILE A 124 13.90 7.80 3.70
N TYR A 125 13.06 7.27 2.81
CA TYR A 125 12.04 8.07 2.15
C TYR A 125 11.20 8.89 3.13
N THR A 126 10.67 8.22 4.16
CA THR A 126 9.83 8.90 5.14
C THR A 126 10.59 10.03 5.80
N MET A 127 11.83 9.76 6.20
CA MET A 127 12.53 10.78 6.95
C MET A 127 13.11 11.85 6.03
N LEU A 128 13.33 11.52 4.76
CA LEU A 128 13.80 12.50 3.79
C LEU A 128 12.77 13.61 3.65
N ALA A 129 11.48 13.26 3.73
CA ALA A 129 10.42 14.26 3.74
C ALA A 129 10.64 15.30 4.82
N SER A 130 11.30 14.94 5.93
CA SER A 130 11.56 15.92 6.98
C SER A 130 12.48 17.03 6.51
N LEU A 131 13.41 16.73 5.60
CA LEU A 131 14.40 17.68 5.10
C LEU A 131 13.94 18.43 3.86
N MET A 132 12.73 18.19 3.39
CA MET A 132 12.29 18.70 2.11
C MET A 132 11.14 19.67 2.34
N ASN A 133 11.04 20.65 1.44
CA ASN A 133 9.79 21.37 1.19
C ASN A 133 9.53 21.34 -0.31
N LYS A 134 8.51 22.08 -0.77
CA LYS A 134 8.16 22.13 -2.19
C LYS A 134 9.31 22.60 -3.08
N ASP A 135 10.27 23.36 -2.54
CA ASP A 135 11.27 24.05 -3.35
C ASP A 135 12.67 23.45 -3.28
N GLY A 136 12.93 22.52 -2.37
CA GLY A 136 14.23 21.87 -2.32
C GLY A 136 14.38 20.99 -1.09
N VAL A 137 15.63 20.64 -0.80
CA VAL A 137 16.00 19.68 0.23
C VAL A 137 17.28 20.12 0.93
N LEU A 138 17.31 19.97 2.25
CA LEU A 138 18.53 20.18 3.02
C LEU A 138 19.55 19.08 2.76
N ILE A 139 20.80 19.46 2.62
CA ILE A 139 21.91 18.52 2.47
C ILE A 139 23.01 18.93 3.45
N SER A 140 23.92 17.97 3.71
CA SER A 140 25.10 18.22 4.53
C SER A 140 24.71 18.79 5.89
N GLU A 141 23.87 18.05 6.60
CA GLU A 141 23.45 18.41 7.95
C GLU A 141 22.85 19.80 8.02
N GLY A 142 22.19 20.24 6.95
CA GLY A 142 21.48 21.50 6.94
C GLY A 142 22.30 22.70 6.53
N GLN A 143 23.60 22.52 6.30
CA GLN A 143 24.43 23.63 5.86
C GLN A 143 24.16 24.01 4.42
N GLY A 144 23.64 23.08 3.61
CA GLY A 144 23.29 23.38 2.25
C GLY A 144 21.80 23.16 2.03
N PHE A 145 21.33 23.66 0.89
CA PHE A 145 19.94 23.48 0.48
C PHE A 145 19.94 23.46 -1.05
N MET A 146 19.57 22.34 -1.64
CA MET A 146 19.65 22.17 -3.09
C MET A 146 18.22 22.23 -3.62
N THR A 147 17.99 23.09 -4.58
CA THR A 147 16.63 23.35 -5.02
C THR A 147 16.04 22.15 -5.75
N ARG A 148 14.71 22.00 -5.62
CA ARG A 148 13.97 20.98 -6.35
C ARG A 148 14.09 21.16 -7.86
N GLU A 149 13.98 22.40 -8.33
CA GLU A 149 13.96 22.67 -9.77
C GLU A 149 15.29 22.30 -10.41
N PHE A 150 16.39 22.53 -9.69
CA PHE A 150 17.68 22.10 -10.19
C PHE A 150 17.77 20.58 -10.25
N LEU A 151 17.32 19.90 -9.19
CA LEU A 151 17.30 18.43 -9.16
C LEU A 151 16.41 17.86 -10.27
N LYS A 152 15.18 18.37 -10.39
CA LYS A 152 14.28 17.89 -11.46
C LYS A 152 14.90 18.03 -12.84
N SER A 153 15.76 19.03 -13.04
CA SER A 153 16.30 19.35 -14.35
C SER A 153 17.51 18.52 -14.78
N LEU A 154 18.01 17.62 -13.93
CA LEU A 154 19.16 16.82 -14.33
C LEU A 154 18.84 15.92 -15.53
N ARG A 155 19.90 15.50 -16.23
CA ARG A 155 19.78 14.93 -17.55
C ARG A 155 19.38 13.46 -17.50
N LYS A 156 19.11 12.91 -18.70
CA LYS A 156 18.72 11.53 -19.01
C LYS A 156 17.86 10.96 -17.88
N PRO A 157 18.24 9.96 -17.07
CA PRO A 157 17.24 9.43 -16.13
C PRO A 157 17.23 10.13 -14.77
N PHE A 158 18.28 10.92 -14.48
CA PHE A 158 18.52 11.39 -13.12
C PHE A 158 17.47 12.40 -12.67
N GLY A 159 17.04 13.28 -13.57
CA GLY A 159 16.01 14.24 -13.20
C GLY A 159 14.74 13.57 -12.70
N ASP A 160 14.26 12.57 -13.43
CA ASP A 160 13.05 11.87 -13.02
C ASP A 160 13.29 10.89 -11.89
N PHE A 161 14.55 10.57 -11.58
CA PHE A 161 14.83 9.79 -10.38
C PHE A 161 14.66 10.62 -9.12
N MET A 162 14.91 11.94 -9.19
CA MET A 162 14.90 12.78 -8.00
C MET A 162 13.52 13.32 -7.68
N GLU A 163 12.73 13.63 -8.70
CA GLU A 163 11.45 14.29 -8.46
C GLU A 163 10.46 13.45 -7.64
N PRO A 164 10.29 12.13 -7.88
CA PRO A 164 9.28 11.39 -7.09
C PRO A 164 9.45 11.49 -5.59
N LYS A 165 10.68 11.57 -5.08
CA LYS A 165 10.87 11.80 -3.65
C LYS A 165 10.23 13.12 -3.20
N PHE A 166 10.38 14.19 -4.00
CA PHE A 166 9.70 15.45 -3.67
C PHE A 166 8.18 15.29 -3.72
N GLU A 167 7.67 14.60 -4.74
CA GLU A 167 6.23 14.38 -4.82
C GLU A 167 5.71 13.63 -3.60
N PHE A 168 6.47 12.65 -3.11
CA PHE A 168 6.07 12.01 -1.86
C PHE A 168 6.12 12.99 -0.70
N ALA A 169 7.26 13.69 -0.53
CA ALA A 169 7.48 14.52 0.64
C ALA A 169 6.39 15.58 0.78
N VAL A 170 5.96 16.17 -0.33
CA VAL A 170 4.94 17.21 -0.25
C VAL A 170 3.62 16.63 0.25
N LYS A 171 3.22 15.45 -0.25
CA LYS A 171 2.01 14.83 0.25
C LYS A 171 2.18 14.39 1.70
N PHE A 172 3.31 13.75 2.03
CA PHE A 172 3.49 13.25 3.39
C PHE A 172 3.50 14.41 4.38
N ASN A 173 4.21 15.49 4.06
CA ASN A 173 4.37 16.62 4.98
C ASN A 173 3.08 17.35 5.25
N ALA A 174 2.09 17.23 4.36
CA ALA A 174 0.76 17.79 4.64
C ALA A 174 0.14 17.15 5.89
N LEU A 175 0.56 15.96 6.28
CA LEU A 175 0.06 15.45 7.55
C LEU A 175 0.64 16.20 8.74
N GLU A 176 1.76 16.90 8.56
CA GLU A 176 2.31 17.79 9.60
C GLU A 176 2.67 17.01 10.87
N LEU A 177 3.38 15.90 10.71
CA LEU A 177 3.81 15.12 11.84
C LEU A 177 5.06 15.75 12.46
N ASP A 178 5.22 15.59 13.77
CA ASP A 178 6.46 15.97 14.42
C ASP A 178 7.33 14.75 14.74
N ASP A 179 8.49 15.04 15.36
CA ASP A 179 9.48 14.01 15.62
C ASP A 179 8.94 12.96 16.59
N SER A 180 8.15 13.38 17.57
CA SER A 180 7.62 12.38 18.49
C SER A 180 6.56 11.51 17.80
N ASP A 181 5.80 12.06 16.84
CA ASP A 181 4.95 11.20 16.01
C ASP A 181 5.80 10.26 15.15
N LEU A 182 6.81 10.81 14.48
CA LEU A 182 7.61 10.00 13.57
C LEU A 182 8.38 8.91 14.31
N ALA A 183 8.81 9.19 15.54
CA ALA A 183 9.60 8.21 16.30
C ALA A 183 8.86 6.87 16.39
N ILE A 184 7.55 6.90 16.53
CA ILE A 184 6.77 5.67 16.58
C ILE A 184 6.50 5.13 15.18
N PHE A 185 6.21 6.03 14.23
CA PHE A 185 5.91 5.61 12.86
C PHE A 185 7.02 4.75 12.29
N ILE A 186 8.26 5.22 12.42
CA ILE A 186 9.44 4.49 11.96
C ILE A 186 9.53 3.10 12.63
N ALA A 187 9.20 3.03 13.93
CA ALA A 187 9.26 1.74 14.61
C ALA A 187 8.26 0.76 14.00
N VAL A 188 7.05 1.24 13.70
CA VAL A 188 6.01 0.38 13.14
C VAL A 188 6.46 -0.20 11.80
N ILE A 189 7.11 0.62 10.95
CA ILE A 189 7.55 0.11 9.65
C ILE A 189 8.56 -1.02 9.83
N ILE A 190 9.51 -0.84 10.74
CA ILE A 190 10.56 -1.82 10.90
C ILE A 190 9.96 -3.17 11.26
N LEU A 191 9.04 -3.15 12.23
CA LEU A 191 8.42 -4.33 12.76
C LEU A 191 7.27 -4.79 11.88
N SER A 192 7.57 -5.01 10.59
CA SER A 192 6.58 -5.52 9.66
C SER A 192 6.68 -7.05 9.58
N GLY A 193 5.62 -7.73 9.98
CA GLY A 193 5.68 -9.17 9.99
C GLY A 193 5.61 -9.82 8.63
N ASP A 194 5.33 -9.06 7.57
CA ASP A 194 5.17 -9.68 6.26
C ASP A 194 6.41 -9.54 5.39
N ARG A 195 7.56 -9.26 5.98
CA ARG A 195 8.76 -9.20 5.16
C ARG A 195 9.11 -10.60 4.66
N PRO A 196 9.53 -10.71 3.40
CA PRO A 196 9.89 -12.03 2.87
C PRO A 196 11.00 -12.66 3.69
N GLY A 197 10.85 -13.95 3.98
CA GLY A 197 11.91 -14.74 4.57
C GLY A 197 12.04 -14.63 6.07
N LEU A 198 11.07 -14.06 6.77
CA LEU A 198 11.13 -14.06 8.22
C LEU A 198 10.88 -15.47 8.77
N LEU A 199 11.55 -15.78 9.87
CA LEU A 199 11.39 -17.11 10.43
C LEU A 199 10.32 -17.17 11.52
N ASN A 200 10.17 -16.11 12.32
CA ASN A 200 9.26 -16.14 13.46
C ASN A 200 8.45 -14.83 13.52
N VAL A 201 7.37 -14.77 12.73
CA VAL A 201 6.52 -13.58 12.62
C VAL A 201 5.84 -13.22 13.93
N LYS A 202 5.52 -14.20 14.77
CA LYS A 202 4.65 -13.92 15.91
C LYS A 202 5.19 -12.82 16.83
N PRO A 203 6.46 -12.86 17.31
CA PRO A 203 6.93 -11.76 18.16
C PRO A 203 7.09 -10.43 17.43
N ILE A 204 7.27 -10.45 16.10
CA ILE A 204 7.38 -9.20 15.37
C ILE A 204 6.04 -8.48 15.35
N GLU A 205 4.97 -9.20 15.03
CA GLU A 205 3.64 -8.64 15.06
C GLU A 205 3.23 -8.29 16.48
N ASP A 206 3.66 -9.07 17.47
CA ASP A 206 3.32 -8.74 18.85
C ASP A 206 3.88 -7.37 19.23
N ILE A 207 5.13 -7.09 18.86
CA ILE A 207 5.70 -5.79 19.10
C ILE A 207 4.99 -4.73 18.27
N GLN A 208 4.73 -5.01 16.98
CA GLN A 208 4.09 -4.01 16.14
C GLN A 208 2.70 -3.66 16.66
N ASP A 209 1.98 -4.62 17.25
CA ASP A 209 0.70 -4.29 17.87
C ASP A 209 0.87 -3.27 18.96
N ASN A 210 1.92 -3.41 19.77
CA ASN A 210 2.18 -2.42 20.82
C ASN A 210 2.54 -1.08 20.22
N LEU A 211 3.43 -1.08 19.24
CA LEU A 211 3.80 0.18 18.59
C LEU A 211 2.57 0.86 17.98
N LEU A 212 1.68 0.07 17.37
CA LEU A 212 0.49 0.64 16.76
C LEU A 212 -0.44 1.23 17.80
N GLN A 213 -0.60 0.57 18.95
CA GLN A 213 -1.38 1.14 20.03
C GLN A 213 -0.79 2.49 20.47
N ALA A 214 0.53 2.53 20.65
CA ALA A 214 1.21 3.75 21.08
C ALA A 214 1.10 4.84 20.03
N LEU A 215 1.20 4.47 18.76
CA LEU A 215 1.04 5.47 17.70
C LEU A 215 -0.36 6.05 17.73
N GLU A 216 -1.37 5.18 17.79
CA GLU A 216 -2.76 5.63 17.81
C GLU A 216 -3.01 6.61 18.96
N LEU A 217 -2.54 6.27 20.16
CA LEU A 217 -2.72 7.16 21.31
C LEU A 217 -1.89 8.43 21.13
N GLN A 218 -0.67 8.31 20.59
CA GLN A 218 0.16 9.48 20.36
C GLN A 218 -0.52 10.48 19.42
N LEU A 219 -1.08 9.99 18.31
CA LEU A 219 -1.69 10.88 17.36
C LEU A 219 -2.93 11.55 17.92
N LYS A 220 -3.68 10.84 18.76
CA LYS A 220 -4.88 11.44 19.33
C LYS A 220 -4.52 12.61 20.25
N LEU A 221 -3.47 12.48 21.05
CA LEU A 221 -3.11 13.51 22.00
C LEU A 221 -2.37 14.67 21.32
N ASN A 222 -1.50 14.37 20.38
CA ASN A 222 -0.69 15.38 19.72
C ASN A 222 -1.41 16.05 18.56
N HIS A 223 -2.53 15.47 18.09
CA HIS A 223 -3.33 16.05 17.00
C HIS A 223 -4.81 15.80 17.28
N PRO A 224 -5.33 16.35 18.39
CA PRO A 224 -6.72 16.05 18.76
C PRO A 224 -7.73 16.47 17.72
N GLU A 225 -7.43 17.47 16.90
CA GLU A 225 -8.35 17.99 15.88
C GLU A 225 -8.32 17.21 14.58
N SER A 226 -7.59 16.10 14.53
CA SER A 226 -7.22 15.50 13.26
C SER A 226 -7.81 14.10 13.22
N SER A 227 -9.02 14.00 12.69
CA SER A 227 -9.73 12.74 12.68
C SER A 227 -9.11 11.79 11.68
N GLN A 228 -9.02 10.51 12.06
CA GLN A 228 -8.49 9.47 11.20
C GLN A 228 -7.08 9.81 10.72
N LEU A 229 -6.34 10.52 11.56
CA LEU A 229 -4.93 10.75 11.24
C LEU A 229 -4.18 9.42 11.31
N PHE A 230 -4.52 8.60 12.30
CA PHE A 230 -4.01 7.24 12.37
C PHE A 230 -4.20 6.51 11.04
N ALA A 231 -5.44 6.42 10.57
CA ALA A 231 -5.73 5.71 9.32
C ALA A 231 -4.96 6.32 8.15
N LYS A 232 -4.96 7.65 8.04
CA LYS A 232 -4.27 8.31 6.93
C LYS A 232 -2.77 8.03 6.96
N LEU A 233 -2.19 7.95 8.15
CA LEU A 233 -0.76 7.66 8.23
C LEU A 233 -0.46 6.19 7.88
N LEU A 234 -1.36 5.27 8.22
CA LEU A 234 -1.16 3.87 7.82
C LEU A 234 -1.29 3.73 6.31
N GLN A 235 -2.17 4.52 5.68
CA GLN A 235 -2.28 4.49 4.23
C GLN A 235 -0.96 4.90 3.56
N LYS A 236 -0.31 5.96 4.06
CA LYS A 236 0.99 6.33 3.52
C LYS A 236 1.99 5.20 3.67
N MET A 237 1.94 4.50 4.81
CA MET A 237 2.93 3.48 5.10
C MET A 237 2.90 2.38 4.05
N THR A 238 1.72 2.03 3.58
CA THR A 238 1.71 1.02 2.56
C THR A 238 2.06 1.61 1.20
N ASP A 239 1.74 2.89 0.94
CA ASP A 239 2.22 3.54 -0.28
C ASP A 239 3.71 3.32 -0.44
N LEU A 240 4.48 3.59 0.62
CA LEU A 240 5.92 3.43 0.65
C LEU A 240 6.40 2.13 0.00
N ARG A 241 5.62 1.05 0.16
CA ARG A 241 5.98 -0.22 -0.46
C ARG A 241 6.19 -0.08 -1.97
N GLN A 242 5.20 0.48 -2.68
CA GLN A 242 5.32 0.56 -4.14
C GLN A 242 6.29 1.66 -4.55
N ILE A 243 6.26 2.82 -3.88
CA ILE A 243 7.25 3.86 -4.16
C ILE A 243 8.67 3.30 -4.05
N VAL A 244 8.91 2.42 -3.07
CA VAL A 244 10.25 1.85 -2.93
C VAL A 244 10.56 0.89 -4.08
N THR A 245 9.60 0.05 -4.47
CA THR A 245 9.90 -0.87 -5.57
C THR A 245 10.17 -0.10 -6.86
N GLU A 246 9.41 0.96 -7.12
CA GLU A 246 9.72 1.80 -8.28
C GLU A 246 11.09 2.44 -8.15
N HIS A 247 11.47 2.81 -6.92
CA HIS A 247 12.79 3.38 -6.69
C HIS A 247 13.90 2.39 -7.00
N VAL A 248 13.78 1.16 -6.47
CA VAL A 248 14.84 0.18 -6.66
C VAL A 248 14.93 -0.20 -8.14
N GLN A 249 13.81 -0.20 -8.85
CA GLN A 249 13.85 -0.45 -10.29
C GLN A 249 14.71 0.58 -11.00
N LEU A 250 14.38 1.87 -10.82
CA LEU A 250 15.18 2.94 -11.41
C LEU A 250 16.62 2.87 -10.92
N LEU A 251 16.82 2.66 -9.62
CA LEU A 251 18.17 2.58 -9.08
C LEU A 251 18.95 1.45 -9.73
N GLN A 252 18.27 0.33 -10.03
CA GLN A 252 18.94 -0.79 -10.70
C GLN A 252 19.36 -0.40 -12.11
N VAL A 253 18.50 0.33 -12.82
CA VAL A 253 18.81 0.74 -14.19
C VAL A 253 19.95 1.75 -14.23
N ILE A 254 20.04 2.61 -13.23
CA ILE A 254 21.11 3.61 -13.18
C ILE A 254 22.47 2.93 -13.02
N LYS A 255 22.60 2.06 -12.02
CA LYS A 255 23.88 1.38 -11.92
C LYS A 255 24.05 0.29 -12.99
N LYS A 256 23.09 0.17 -13.91
CA LYS A 256 23.19 -0.70 -15.07
C LYS A 256 23.39 0.06 -16.37
N THR A 257 22.56 1.08 -16.64
CA THR A 257 22.75 1.88 -17.85
C THR A 257 24.08 2.61 -17.81
N GLU A 258 24.31 3.36 -16.74
CA GLU A 258 25.55 4.11 -16.63
C GLU A 258 26.59 3.08 -16.22
N THR A 259 27.45 2.69 -17.17
CA THR A 259 28.57 1.81 -16.86
C THR A 259 29.70 2.56 -16.20
N ASP A 260 29.76 3.88 -16.38
CA ASP A 260 30.66 4.70 -15.58
C ASP A 260 30.09 4.97 -14.19
N MET A 261 28.82 4.62 -13.95
CA MET A 261 28.25 4.60 -12.61
C MET A 261 28.52 3.28 -11.90
N SER A 262 29.09 2.32 -12.62
CA SER A 262 29.74 1.17 -12.00
C SER A 262 31.21 1.52 -12.12
N LEU A 263 31.66 2.33 -11.15
CA LEU A 263 33.02 2.85 -11.13
C LEU A 263 33.99 1.90 -10.45
N HIS A 264 34.37 2.20 -9.20
CA HIS A 264 35.29 1.29 -8.53
C HIS A 264 34.54 0.08 -7.98
N PRO A 265 35.11 -1.12 -8.12
CA PRO A 265 34.47 -2.33 -7.54
C PRO A 265 34.21 -2.24 -6.05
N LEU A 266 35.18 -1.74 -5.28
CA LEU A 266 34.99 -1.48 -3.85
C LEU A 266 33.79 -0.58 -3.61
N LEU A 267 33.73 0.56 -4.31
CA LEU A 267 32.61 1.47 -4.18
C LEU A 267 31.30 0.75 -4.51
N GLN A 268 31.27 0.06 -5.65
CA GLN A 268 30.10 -0.76 -5.99
C GLN A 268 29.70 -1.64 -4.80
N GLU A 269 30.67 -2.29 -4.15
CA GLU A 269 30.34 -3.17 -3.03
C GLU A 269 29.80 -2.39 -1.84
N ILE A 270 30.37 -1.21 -1.57
CA ILE A 270 29.89 -0.36 -0.49
C ILE A 270 28.41 -0.08 -0.67
N TYR A 271 27.98 0.15 -1.93
CA TYR A 271 26.61 0.50 -2.29
C TYR A 271 25.80 -0.67 -2.82
N LYS A 272 26.21 -1.91 -2.54
CA LYS A 272 25.44 -3.04 -3.01
C LYS A 272 24.10 -3.07 -2.28
N HIS B 3 -15.71 12.50 16.55
CA HIS B 3 -16.41 13.19 15.47
C HIS B 3 -17.89 12.80 15.45
N MET B 4 -18.23 11.73 14.71
CA MET B 4 -19.61 11.25 14.68
C MET B 4 -19.88 10.39 15.90
N GLU B 5 -21.07 10.57 16.50
CA GLU B 5 -21.45 9.78 17.67
C GLU B 5 -21.58 8.31 17.30
N SER B 6 -21.32 7.45 18.29
CA SER B 6 -21.28 6.01 18.06
C SER B 6 -22.56 5.49 17.43
N ALA B 7 -23.71 5.88 17.98
CA ALA B 7 -24.99 5.48 17.40
C ALA B 7 -25.07 5.83 15.91
N ASP B 8 -24.50 6.99 15.53
CA ASP B 8 -24.54 7.43 14.14
C ASP B 8 -23.63 6.55 13.27
N LEU B 9 -22.47 6.16 13.79
CA LEU B 9 -21.57 5.26 13.07
C LEU B 9 -22.15 3.85 12.95
N ARG B 10 -22.81 3.36 14.01
CA ARG B 10 -23.48 2.08 13.89
C ARG B 10 -24.61 2.16 12.90
N ALA B 11 -25.33 3.27 12.88
CA ALA B 11 -26.40 3.45 11.90
C ALA B 11 -25.85 3.34 10.49
N LEU B 12 -24.68 3.95 10.26
CA LEU B 12 -24.05 3.88 8.95
C LEU B 12 -23.63 2.45 8.62
N ALA B 13 -23.11 1.73 9.61
CA ALA B 13 -22.74 0.32 9.41
C ALA B 13 -23.95 -0.51 8.96
N LYS B 14 -25.07 -0.42 9.68
CA LYS B 14 -26.26 -1.14 9.27
C LYS B 14 -26.67 -0.76 7.85
N HIS B 15 -26.68 0.53 7.53
CA HIS B 15 -27.08 0.96 6.19
C HIS B 15 -26.18 0.34 5.12
N LEU B 16 -24.87 0.32 5.35
CA LEU B 16 -23.97 -0.20 4.32
C LEU B 16 -24.13 -1.71 4.18
N TYR B 17 -24.22 -2.43 5.31
CA TYR B 17 -24.45 -3.88 5.26
C TYR B 17 -25.76 -4.18 4.55
N ASP B 18 -26.85 -3.59 5.04
CA ASP B 18 -28.14 -3.71 4.37
C ASP B 18 -27.99 -3.49 2.87
N SER B 19 -27.22 -2.49 2.47
CA SER B 19 -27.09 -2.16 1.06
C SER B 19 -26.27 -3.20 0.32
N TYR B 20 -25.21 -3.69 0.97
CA TYR B 20 -24.37 -4.75 0.42
C TYR B 20 -25.18 -6.05 0.14
N ILE B 21 -26.06 -6.44 1.07
CA ILE B 21 -26.86 -7.65 0.84
C ILE B 21 -27.72 -7.47 -0.40
N LYS B 22 -28.25 -6.26 -0.56
CA LYS B 22 -29.16 -6.03 -1.66
C LYS B 22 -28.42 -5.94 -2.98
N SER B 23 -27.14 -5.63 -2.96
CA SER B 23 -26.41 -5.41 -4.21
C SER B 23 -25.69 -6.63 -4.72
N PHE B 24 -25.25 -7.52 -3.83
CA PHE B 24 -24.37 -8.62 -4.21
C PHE B 24 -25.10 -9.95 -4.09
N PRO B 25 -25.17 -10.72 -5.17
CA PRO B 25 -26.02 -11.94 -5.12
C PRO B 25 -25.47 -13.01 -4.21
N LEU B 26 -24.16 -13.23 -4.23
CA LEU B 26 -23.51 -14.31 -3.52
C LEU B 26 -22.64 -13.71 -2.43
N THR B 27 -23.12 -13.77 -1.19
CA THR B 27 -22.49 -13.21 0.00
C THR B 27 -21.38 -14.12 0.53
N LYS B 28 -20.53 -13.59 1.42
CA LYS B 28 -19.50 -14.44 2.03
C LYS B 28 -20.10 -15.49 2.97
N ALA B 29 -21.20 -15.16 3.66
CA ALA B 29 -21.81 -16.13 4.53
C ALA B 29 -22.35 -17.32 3.73
N LYS B 30 -23.00 -17.05 2.59
CA LYS B 30 -23.45 -18.12 1.72
C LYS B 30 -22.26 -18.89 1.16
N ALA B 31 -21.21 -18.18 0.73
CA ALA B 31 -20.04 -18.84 0.18
C ALA B 31 -19.49 -19.88 1.16
N ARG B 32 -19.39 -19.50 2.43
CA ARG B 32 -18.82 -20.41 3.41
C ARG B 32 -19.77 -21.56 3.72
N ALA B 33 -21.08 -21.31 3.71
CA ALA B 33 -22.04 -22.41 3.89
C ALA B 33 -21.87 -23.46 2.80
N ILE B 34 -21.61 -23.04 1.56
CA ILE B 34 -21.39 -23.99 0.47
C ILE B 34 -20.06 -24.72 0.65
N LEU B 35 -18.99 -23.99 0.95
CA LEU B 35 -17.67 -24.60 1.01
C LEU B 35 -17.48 -25.51 2.24
N THR B 36 -18.25 -25.27 3.29
CA THR B 36 -18.08 -25.90 4.59
C THR B 36 -18.97 -27.10 4.74
N GLY B 37 -19.77 -27.39 3.72
CA GLY B 37 -20.52 -28.63 3.70
C GLY B 37 -21.49 -28.77 4.84
N LYS B 38 -21.53 -29.99 5.39
CA LYS B 38 -22.55 -30.41 6.35
C LYS B 38 -23.93 -29.99 5.85
N THR B 39 -24.09 -30.01 4.53
CA THR B 39 -25.31 -29.66 3.82
C THR B 39 -25.30 -30.52 2.56
N THR B 40 -26.44 -31.12 2.22
CA THR B 40 -26.55 -31.80 0.95
C THR B 40 -27.13 -30.91 -0.17
N ASP B 41 -27.92 -29.89 0.18
CA ASP B 41 -28.60 -29.11 -0.86
C ASP B 41 -27.71 -28.03 -1.49
N LYS B 42 -26.73 -27.51 -0.75
CA LYS B 42 -25.88 -26.46 -1.28
C LYS B 42 -24.53 -26.99 -1.74
N SER B 43 -24.50 -28.17 -2.33
CA SER B 43 -23.23 -28.87 -2.61
C SER B 43 -22.76 -28.61 -4.03
N PRO B 44 -21.53 -28.13 -4.24
CA PRO B 44 -21.08 -27.74 -5.59
C PRO B 44 -20.47 -28.89 -6.37
N PHE B 45 -20.63 -28.81 -7.70
CA PHE B 45 -19.91 -29.70 -8.62
C PHE B 45 -18.48 -29.20 -8.76
N VAL B 46 -17.51 -30.10 -8.67
CA VAL B 46 -16.13 -29.68 -8.58
C VAL B 46 -15.44 -29.96 -9.91
N ILE B 47 -14.84 -28.92 -10.48
CA ILE B 47 -14.06 -29.04 -11.73
C ILE B 47 -12.58 -28.99 -11.40
N TYR B 48 -11.90 -30.09 -11.70
CA TYR B 48 -10.50 -30.28 -11.37
C TYR B 48 -9.65 -30.72 -12.56
N ASP B 49 -10.24 -30.92 -13.74
CA ASP B 49 -9.47 -31.33 -14.91
C ASP B 49 -10.35 -31.18 -16.15
N MET B 50 -9.73 -31.43 -17.30
CA MET B 50 -10.44 -31.29 -18.58
C MET B 50 -11.72 -32.11 -18.58
N ASN B 51 -11.63 -33.37 -18.12
CA ASN B 51 -12.79 -34.26 -18.19
C ASN B 51 -13.95 -33.77 -17.35
N SER B 52 -13.68 -33.29 -16.12
CA SER B 52 -14.77 -32.79 -15.29
C SER B 52 -15.27 -31.44 -15.78
N LEU B 53 -14.43 -30.66 -16.47
CA LEU B 53 -14.92 -29.43 -17.07
C LEU B 53 -15.99 -29.74 -18.11
N MET B 54 -15.72 -30.73 -18.96
CA MET B 54 -16.69 -31.11 -19.98
C MET B 54 -17.97 -31.65 -19.36
N MET B 55 -17.83 -32.45 -18.31
CA MET B 55 -19.02 -32.84 -17.55
C MET B 55 -19.71 -31.63 -16.95
N GLY B 56 -18.92 -30.63 -16.55
CA GLY B 56 -19.46 -29.43 -15.91
C GLY B 56 -20.34 -28.59 -16.81
N GLU B 57 -20.03 -28.55 -18.12
CA GLU B 57 -20.85 -27.76 -19.02
C GLU B 57 -22.28 -28.25 -19.09
N ASP B 58 -22.55 -29.53 -18.81
CA ASP B 58 -23.88 -30.10 -18.85
C ASP B 58 -24.62 -29.97 -17.51
N LYS B 59 -23.93 -30.24 -16.39
CA LYS B 59 -24.61 -30.24 -15.10
C LYS B 59 -24.92 -28.83 -14.64
N ILE B 60 -23.92 -27.94 -14.63
CA ILE B 60 -24.10 -26.62 -14.04
C ILE B 60 -24.84 -25.67 -14.99
N LYS B 61 -24.48 -25.69 -16.28
CA LYS B 61 -25.08 -24.81 -17.27
C LYS B 61 -24.70 -23.36 -16.95
N PHE B 62 -23.66 -22.84 -17.60
CA PHE B 62 -23.12 -21.52 -17.25
C PHE B 62 -23.98 -20.40 -17.81
N GLN B 71 -18.21 -20.45 -27.03
CA GLN B 71 -17.99 -21.74 -26.39
C GLN B 71 -17.47 -22.78 -27.39
N SER B 72 -17.02 -22.30 -28.55
CA SER B 72 -16.30 -23.13 -29.50
C SER B 72 -14.80 -22.94 -29.41
N LYS B 73 -14.33 -22.03 -28.55
CA LYS B 73 -12.92 -21.69 -28.43
C LYS B 73 -12.20 -22.69 -27.51
N GLU B 74 -10.90 -22.48 -27.36
CA GLU B 74 -10.00 -23.30 -26.55
C GLU B 74 -10.38 -23.22 -25.07
N VAL B 75 -9.82 -24.13 -24.27
CA VAL B 75 -10.19 -24.25 -22.86
C VAL B 75 -9.84 -22.98 -22.08
N ALA B 76 -8.58 -22.55 -22.14
CA ALA B 76 -8.16 -21.42 -21.30
C ALA B 76 -8.94 -20.16 -21.66
N ILE B 77 -9.24 -19.98 -22.95
CA ILE B 77 -10.06 -18.85 -23.38
C ILE B 77 -11.46 -18.94 -22.79
N ARG B 78 -12.09 -20.12 -22.90
CA ARG B 78 -13.44 -20.30 -22.36
C ARG B 78 -13.48 -19.95 -20.89
N ILE B 79 -12.47 -20.39 -20.12
CA ILE B 79 -12.42 -20.05 -18.70
C ILE B 79 -12.19 -18.54 -18.52
N PHE B 80 -11.34 -17.94 -19.36
CA PHE B 80 -11.11 -16.50 -19.23
C PHE B 80 -12.40 -15.71 -19.42
N GLN B 81 -13.14 -16.02 -20.48
CA GLN B 81 -14.38 -15.29 -20.72
C GLN B 81 -15.39 -15.54 -19.60
N GLY B 82 -15.34 -16.70 -18.96
CA GLY B 82 -16.21 -16.92 -17.81
C GLY B 82 -15.82 -16.07 -16.62
N CYS B 83 -14.52 -15.79 -16.45
CA CYS B 83 -14.09 -14.82 -15.44
C CYS B 83 -14.54 -13.40 -15.78
N GLN B 84 -14.26 -12.95 -17.01
CA GLN B 84 -14.58 -11.57 -17.37
C GLN B 84 -16.09 -11.34 -17.37
N PHE B 85 -16.88 -12.29 -17.87
CA PHE B 85 -18.32 -12.18 -17.75
C PHE B 85 -18.71 -11.84 -16.33
N ARG B 86 -18.08 -12.52 -15.38
CA ARG B 86 -18.35 -12.33 -13.98
C ARG B 86 -17.74 -11.03 -13.44
N SER B 87 -16.56 -10.64 -13.94
CA SER B 87 -16.00 -9.34 -13.57
C SER B 87 -16.89 -8.21 -14.03
N VAL B 88 -17.43 -8.31 -15.24
CA VAL B 88 -18.35 -7.28 -15.74
C VAL B 88 -19.56 -7.15 -14.84
N GLU B 89 -20.17 -8.28 -14.45
CA GLU B 89 -21.34 -8.22 -13.57
C GLU B 89 -20.95 -7.62 -12.22
N ALA B 90 -19.78 -8.01 -11.71
CA ALA B 90 -19.30 -7.42 -10.47
C ALA B 90 -19.24 -5.89 -10.59
N VAL B 91 -18.61 -5.40 -11.67
CA VAL B 91 -18.54 -3.94 -11.89
C VAL B 91 -19.92 -3.34 -11.83
N GLN B 92 -20.88 -3.98 -12.50
CA GLN B 92 -22.24 -3.50 -12.41
C GLN B 92 -22.72 -3.52 -10.97
N GLU B 93 -22.41 -4.60 -10.24
CA GLU B 93 -22.85 -4.74 -8.85
C GLU B 93 -22.16 -3.72 -7.95
N ILE B 94 -20.86 -3.52 -8.14
CA ILE B 94 -20.12 -2.52 -7.37
C ILE B 94 -20.65 -1.12 -7.66
N THR B 95 -20.99 -0.83 -8.93
CA THR B 95 -21.48 0.49 -9.25
C THR B 95 -22.79 0.78 -8.53
N GLU B 96 -23.68 -0.21 -8.53
CA GLU B 96 -24.94 -0.06 -7.80
C GLU B 96 -24.68 0.11 -6.31
N TYR B 97 -23.72 -0.62 -5.77
CA TYR B 97 -23.46 -0.47 -4.34
C TYR B 97 -22.93 0.93 -4.03
N ALA B 98 -22.08 1.48 -4.90
CA ALA B 98 -21.47 2.79 -4.65
C ALA B 98 -22.52 3.88 -4.47
N LYS B 99 -23.54 3.88 -5.33
CA LYS B 99 -24.60 4.87 -5.27
C LYS B 99 -25.33 4.88 -3.93
N SER B 100 -25.29 3.78 -3.18
CA SER B 100 -25.90 3.76 -1.86
C SER B 100 -24.97 4.31 -0.79
N ILE B 101 -23.69 4.51 -1.11
CA ILE B 101 -22.82 5.10 -0.10
C ILE B 101 -23.21 6.57 0.09
N PRO B 102 -23.63 6.97 1.30
CA PRO B 102 -24.03 8.37 1.55
C PRO B 102 -22.98 9.34 1.06
N GLY B 103 -23.35 10.24 0.16
CA GLY B 103 -22.46 11.25 -0.34
C GLY B 103 -21.92 10.95 -1.72
N PHE B 104 -21.82 9.68 -2.08
CA PHE B 104 -21.21 9.34 -3.37
C PHE B 104 -21.93 10.02 -4.53
N VAL B 105 -23.25 9.86 -4.62
CA VAL B 105 -23.95 10.37 -5.81
C VAL B 105 -24.04 11.89 -5.82
N ASN B 106 -23.67 12.56 -4.71
CA ASN B 106 -23.64 14.01 -4.70
C ASN B 106 -22.27 14.58 -5.11
N LEU B 107 -21.24 13.75 -5.23
CA LEU B 107 -19.97 14.27 -5.74
C LEU B 107 -20.07 14.60 -7.22
N ASP B 108 -19.18 15.48 -7.67
CA ASP B 108 -18.99 15.77 -9.09
C ASP B 108 -19.04 14.49 -9.90
N LEU B 109 -19.79 14.53 -11.00
CA LEU B 109 -20.00 13.33 -11.79
C LEU B 109 -18.69 12.77 -12.35
N ASN B 110 -17.77 13.64 -12.75
CA ASN B 110 -16.48 13.18 -13.24
C ASN B 110 -15.75 12.34 -12.19
N ASP B 111 -15.90 12.70 -10.91
CA ASP B 111 -15.17 12.01 -9.85
C ASP B 111 -15.80 10.67 -9.52
N GLN B 112 -17.13 10.59 -9.56
CA GLN B 112 -17.79 9.29 -9.49
C GLN B 112 -17.13 8.34 -10.47
N VAL B 113 -17.08 8.72 -11.74
CA VAL B 113 -16.48 7.86 -12.76
C VAL B 113 -15.04 7.54 -12.40
N THR B 114 -14.27 8.56 -12.03
CA THR B 114 -12.89 8.31 -11.64
C THR B 114 -12.82 7.34 -10.48
N LEU B 115 -13.72 7.48 -9.49
CA LEU B 115 -13.64 6.63 -8.32
C LEU B 115 -13.93 5.19 -8.67
N LEU B 116 -15.01 4.95 -9.40
CA LEU B 116 -15.33 3.59 -9.85
C LEU B 116 -14.23 3.03 -10.73
N LYS B 117 -13.77 3.81 -11.68
CA LYS B 117 -12.74 3.36 -12.62
C LYS B 117 -11.56 2.72 -11.88
N TYR B 118 -11.07 3.37 -10.84
CA TYR B 118 -9.91 2.90 -10.10
C TYR B 118 -10.26 2.04 -8.91
N GLY B 119 -11.54 1.96 -8.54
CA GLY B 119 -11.95 1.19 -7.38
C GLY B 119 -12.47 -0.20 -7.70
N VAL B 120 -13.01 -0.41 -8.91
CA VAL B 120 -13.74 -1.66 -9.14
C VAL B 120 -12.80 -2.85 -9.06
N HIS B 121 -11.60 -2.74 -9.63
CA HIS B 121 -10.68 -3.88 -9.63
C HIS B 121 -10.26 -4.26 -8.21
N GLU B 122 -9.96 -3.27 -7.37
CA GLU B 122 -9.54 -3.55 -6.01
C GLU B 122 -10.64 -4.23 -5.23
N ILE B 123 -11.89 -3.85 -5.51
CA ILE B 123 -13.04 -4.41 -4.85
C ILE B 123 -13.32 -5.83 -5.35
N ILE B 124 -13.10 -6.06 -6.64
CA ILE B 124 -13.32 -7.40 -7.19
C ILE B 124 -12.42 -8.41 -6.49
N TYR B 125 -11.11 -8.17 -6.48
CA TYR B 125 -10.17 -9.01 -5.72
C TYR B 125 -10.64 -9.23 -4.28
N THR B 126 -11.00 -8.16 -3.58
CA THR B 126 -11.43 -8.27 -2.19
C THR B 126 -12.60 -9.23 -2.08
N MET B 127 -13.57 -9.07 -2.97
CA MET B 127 -14.75 -9.88 -2.88
C MET B 127 -14.58 -11.26 -3.51
N LEU B 128 -13.62 -11.41 -4.43
CA LEU B 128 -13.31 -12.73 -4.94
C LEU B 128 -12.77 -13.62 -3.83
N ALA B 129 -12.02 -13.04 -2.89
CA ALA B 129 -11.54 -13.80 -1.73
C ALA B 129 -12.68 -14.49 -0.98
N SER B 130 -13.87 -13.90 -0.98
CA SER B 130 -14.99 -14.52 -0.27
C SER B 130 -15.39 -15.84 -0.92
N LEU B 131 -15.13 -16.00 -2.21
CA LEU B 131 -15.50 -17.20 -2.94
C LEU B 131 -14.40 -18.25 -2.91
N MET B 132 -13.31 -18.01 -2.22
CA MET B 132 -12.13 -18.83 -2.38
C MET B 132 -11.74 -19.49 -1.07
N ASN B 133 -11.09 -20.66 -1.17
CA ASN B 133 -10.25 -21.17 -0.10
C ASN B 133 -8.92 -21.58 -0.73
N LYS B 134 -8.02 -22.21 0.04
CA LYS B 134 -6.71 -22.55 -0.52
C LYS B 134 -6.81 -23.42 -1.77
N ASP B 135 -7.94 -24.11 -1.95
CA ASP B 135 -8.06 -25.16 -2.94
C ASP B 135 -8.85 -24.78 -4.19
N GLY B 136 -9.61 -23.71 -4.18
CA GLY B 136 -10.34 -23.33 -5.38
C GLY B 136 -11.32 -22.20 -5.11
N VAL B 137 -12.23 -22.01 -6.07
CA VAL B 137 -13.09 -20.84 -6.10
C VAL B 137 -14.51 -21.25 -6.50
N LEU B 138 -15.51 -20.65 -5.82
CA LEU B 138 -16.89 -20.85 -6.21
C LEU B 138 -17.19 -20.19 -7.56
N ILE B 139 -17.89 -20.90 -8.44
CA ILE B 139 -18.28 -20.35 -9.72
C ILE B 139 -19.77 -20.60 -9.90
N SER B 140 -20.35 -19.90 -10.88
CA SER B 140 -21.74 -20.10 -11.28
C SER B 140 -22.68 -19.94 -10.10
N GLU B 141 -22.58 -18.79 -9.42
CA GLU B 141 -23.42 -18.48 -8.25
C GLU B 141 -23.34 -19.59 -7.21
N GLY B 142 -22.20 -20.28 -7.13
CA GLY B 142 -21.97 -21.25 -6.10
C GLY B 142 -22.33 -22.68 -6.47
N GLN B 143 -22.92 -22.92 -7.64
CA GLN B 143 -23.20 -24.27 -8.05
C GLN B 143 -21.93 -25.04 -8.40
N GLY B 144 -20.86 -24.35 -8.79
CA GLY B 144 -19.64 -24.99 -9.19
C GLY B 144 -18.51 -24.61 -8.27
N PHE B 145 -17.40 -25.31 -8.45
CA PHE B 145 -16.18 -25.00 -7.69
C PHE B 145 -15.03 -25.50 -8.55
N MET B 146 -14.15 -24.61 -8.93
CA MET B 146 -13.04 -24.95 -9.79
C MET B 146 -11.76 -24.88 -8.96
N THR B 147 -10.98 -25.95 -9.00
CA THR B 147 -9.82 -26.05 -8.13
C THR B 147 -8.74 -25.07 -8.56
N ARG B 148 -7.96 -24.63 -7.58
CA ARG B 148 -6.81 -23.78 -7.84
C ARG B 148 -5.83 -24.45 -8.79
N GLU B 149 -5.52 -25.73 -8.55
CA GLU B 149 -4.49 -26.41 -9.34
C GLU B 149 -4.90 -26.53 -10.80
N PHE B 150 -6.19 -26.77 -11.07
CA PHE B 150 -6.62 -26.86 -12.45
C PHE B 150 -6.40 -25.53 -13.16
N LEU B 151 -6.79 -24.42 -12.52
CA LEU B 151 -6.57 -23.09 -13.10
C LEU B 151 -5.09 -22.82 -13.29
N LYS B 152 -4.30 -23.04 -12.25
CA LYS B 152 -2.85 -22.83 -12.29
C LYS B 152 -2.20 -23.58 -13.45
N SER B 153 -2.78 -24.73 -13.84
CA SER B 153 -2.21 -25.56 -14.88
C SER B 153 -2.62 -25.10 -16.27
N LEU B 154 -3.45 -24.06 -16.39
CA LEU B 154 -3.83 -23.58 -17.70
C LEU B 154 -2.58 -23.07 -18.44
N ARG B 155 -2.68 -23.02 -19.76
CA ARG B 155 -1.49 -22.91 -20.62
C ARG B 155 -0.99 -21.47 -20.76
N LYS B 156 0.14 -21.35 -21.47
CA LYS B 156 0.85 -20.15 -21.91
C LYS B 156 0.90 -19.13 -20.77
N PRO B 157 0.14 -18.04 -20.88
CA PRO B 157 0.14 -17.02 -19.82
C PRO B 157 -0.98 -17.21 -18.82
N PHE B 158 -2.01 -17.97 -19.20
CA PHE B 158 -3.28 -17.98 -18.47
C PHE B 158 -3.15 -18.61 -17.09
N GLY B 159 -2.29 -19.63 -16.94
CA GLY B 159 -2.11 -20.24 -15.63
C GLY B 159 -1.64 -19.25 -14.59
N ASP B 160 -0.63 -18.47 -14.92
CA ASP B 160 -0.09 -17.46 -14.01
C ASP B 160 -0.96 -16.22 -13.94
N PHE B 161 -1.92 -16.08 -14.83
CA PHE B 161 -2.91 -15.02 -14.68
C PHE B 161 -3.90 -15.35 -13.57
N MET B 162 -4.18 -16.64 -13.31
CA MET B 162 -5.20 -17.04 -12.34
C MET B 162 -4.66 -17.13 -10.91
N GLU B 163 -3.41 -17.59 -10.75
CA GLU B 163 -2.87 -17.88 -9.42
C GLU B 163 -2.77 -16.67 -8.48
N PRO B 164 -2.32 -15.47 -8.90
CA PRO B 164 -2.23 -14.34 -7.96
C PRO B 164 -3.53 -14.00 -7.23
N LYS B 165 -4.68 -14.19 -7.87
CA LYS B 165 -5.94 -14.00 -7.16
C LYS B 165 -6.01 -14.90 -5.92
N PHE B 166 -5.57 -16.16 -6.07
CA PHE B 166 -5.54 -17.06 -4.92
C PHE B 166 -4.51 -16.64 -3.89
N GLU B 167 -3.34 -16.20 -4.35
CA GLU B 167 -2.29 -15.78 -3.43
C GLU B 167 -2.79 -14.70 -2.49
N PHE B 168 -3.54 -13.74 -3.03
CA PHE B 168 -4.13 -12.69 -2.21
C PHE B 168 -5.18 -13.26 -1.27
N ALA B 169 -6.14 -14.00 -1.81
CA ALA B 169 -7.31 -14.42 -1.04
C ALA B 169 -6.89 -15.19 0.21
N VAL B 170 -5.87 -16.03 0.10
CA VAL B 170 -5.45 -16.82 1.25
C VAL B 170 -4.96 -15.90 2.36
N LYS B 171 -4.19 -14.88 1.99
CA LYS B 171 -3.76 -13.87 2.96
C LYS B 171 -4.94 -13.06 3.47
N PHE B 172 -5.78 -12.58 2.56
CA PHE B 172 -6.90 -11.75 2.96
C PHE B 172 -7.88 -12.51 3.86
N ASN B 173 -8.22 -13.75 3.50
CA ASN B 173 -9.19 -14.48 4.29
C ASN B 173 -8.70 -14.78 5.70
N ALA B 174 -7.38 -14.72 5.93
CA ALA B 174 -6.86 -14.95 7.28
C ALA B 174 -7.41 -13.94 8.28
N LEU B 175 -7.79 -12.74 7.82
CA LEU B 175 -8.39 -11.77 8.72
C LEU B 175 -9.78 -12.18 9.20
N GLU B 176 -10.43 -13.13 8.52
CA GLU B 176 -11.70 -13.69 8.98
C GLU B 176 -12.80 -12.63 9.09
N LEU B 177 -12.93 -11.81 8.05
CA LEU B 177 -13.98 -10.80 8.04
C LEU B 177 -15.30 -11.39 7.58
N ASP B 178 -16.39 -10.86 8.11
CA ASP B 178 -17.69 -11.25 7.57
C ASP B 178 -18.22 -10.14 6.66
N ASP B 179 -19.42 -10.37 6.13
CA ASP B 179 -19.96 -9.44 5.15
C ASP B 179 -20.18 -8.06 5.76
N SER B 180 -20.56 -7.99 7.03
CA SER B 180 -20.82 -6.69 7.60
C SER B 180 -19.53 -5.88 7.76
N ASP B 181 -18.40 -6.54 7.97
CA ASP B 181 -17.12 -5.83 7.87
C ASP B 181 -16.85 -5.42 6.42
N LEU B 182 -16.98 -6.38 5.47
CA LEU B 182 -16.63 -6.09 4.07
C LEU B 182 -17.45 -4.94 3.49
N ALA B 183 -18.69 -4.78 3.96
CA ALA B 183 -19.55 -3.70 3.49
C ALA B 183 -18.91 -2.34 3.73
N ILE B 184 -18.27 -2.16 4.90
CA ILE B 184 -17.66 -0.88 5.17
C ILE B 184 -16.31 -0.75 4.47
N PHE B 185 -15.51 -1.82 4.50
CA PHE B 185 -14.20 -1.80 3.87
C PHE B 185 -14.31 -1.42 2.39
N ILE B 186 -15.23 -2.09 1.68
CA ILE B 186 -15.45 -1.84 0.27
C ILE B 186 -15.81 -0.37 0.05
N ALA B 187 -16.62 0.21 0.93
CA ALA B 187 -16.97 1.62 0.81
C ALA B 187 -15.73 2.50 0.97
N VAL B 188 -14.87 2.16 1.93
CA VAL B 188 -13.65 2.95 2.14
C VAL B 188 -12.79 2.96 0.88
N ILE B 189 -12.70 1.81 0.20
CA ILE B 189 -11.86 1.73 -0.99
C ILE B 189 -12.37 2.68 -2.06
N ILE B 190 -13.68 2.68 -2.30
CA ILE B 190 -14.25 3.48 -3.38
C ILE B 190 -13.95 4.96 -3.17
N LEU B 191 -14.15 5.43 -1.93
CA LEU B 191 -13.98 6.84 -1.59
C LEU B 191 -12.52 7.15 -1.25
N SER B 192 -11.63 6.86 -2.20
CA SER B 192 -10.22 7.20 -2.04
C SER B 192 -9.92 8.54 -2.70
N GLY B 193 -9.48 9.51 -1.91
CA GLY B 193 -9.20 10.81 -2.48
C GLY B 193 -7.93 10.89 -3.30
N ASP B 194 -7.09 9.87 -3.28
CA ASP B 194 -5.81 9.93 -3.99
C ASP B 194 -5.88 9.24 -5.34
N ARG B 195 -7.09 9.05 -5.88
CA ARG B 195 -7.20 8.54 -7.23
C ARG B 195 -6.73 9.59 -8.22
N PRO B 196 -5.98 9.20 -9.25
CA PRO B 196 -5.50 10.20 -10.23
C PRO B 196 -6.65 10.93 -10.89
N GLY B 197 -6.51 12.25 -10.98
CA GLY B 197 -7.40 13.06 -11.78
C GLY B 197 -8.68 13.48 -11.11
N LEU B 198 -8.82 13.29 -9.81
CA LEU B 198 -10.01 13.76 -9.11
C LEU B 198 -10.02 15.28 -9.09
N LEU B 199 -11.22 15.86 -9.14
CA LEU B 199 -11.35 17.32 -9.12
C LEU B 199 -11.58 17.87 -7.72
N ASN B 200 -12.28 17.18 -6.80
CA ASN B 200 -12.50 17.76 -5.45
C ASN B 200 -12.13 16.74 -4.41
N VAL B 201 -10.84 16.66 -4.06
CA VAL B 201 -10.41 15.67 -3.10
C VAL B 201 -11.12 15.82 -1.76
N LYS B 202 -11.43 17.06 -1.38
CA LYS B 202 -11.91 17.34 -0.01
C LYS B 202 -13.23 16.64 0.32
N PRO B 203 -14.30 16.79 -0.45
CA PRO B 203 -15.55 16.09 -0.06
C PRO B 203 -15.42 14.59 -0.14
N ILE B 204 -14.49 14.09 -0.95
CA ILE B 204 -14.25 12.66 -0.96
C ILE B 204 -13.58 12.23 0.33
N GLU B 205 -12.57 13.01 0.78
CA GLU B 205 -11.93 12.68 2.06
C GLU B 205 -12.91 12.77 3.22
N ASP B 206 -13.81 13.76 3.19
CA ASP B 206 -14.79 13.87 4.26
C ASP B 206 -15.65 12.61 4.34
N ILE B 207 -16.08 12.08 3.20
CA ILE B 207 -16.86 10.85 3.22
C ILE B 207 -16.03 9.69 3.76
N GLN B 208 -14.80 9.55 3.28
CA GLN B 208 -13.98 8.43 3.74
C GLN B 208 -13.71 8.48 5.25
N ASP B 209 -13.59 9.69 5.81
CA ASP B 209 -13.34 9.80 7.26
C ASP B 209 -14.45 9.18 8.08
N ASN B 210 -15.71 9.42 7.71
CA ASN B 210 -16.80 8.79 8.44
C ASN B 210 -16.80 7.28 8.24
N LEU B 211 -16.63 6.84 6.99
CA LEU B 211 -16.53 5.42 6.70
C LEU B 211 -15.40 4.78 7.50
N LEU B 212 -14.25 5.46 7.61
CA LEU B 212 -13.16 4.92 8.40
C LEU B 212 -13.54 4.86 9.87
N GLN B 213 -14.17 5.92 10.38
CA GLN B 213 -14.68 5.86 11.73
C GLN B 213 -15.65 4.70 11.88
N ALA B 214 -16.55 4.55 10.91
CA ALA B 214 -17.53 3.48 10.97
C ALA B 214 -16.86 2.12 10.92
N LEU B 215 -15.80 2.00 10.11
CA LEU B 215 -15.07 0.74 10.03
C LEU B 215 -14.40 0.41 11.35
N GLU B 216 -13.64 1.36 11.91
CA GLU B 216 -12.91 1.11 13.16
C GLU B 216 -13.85 0.64 14.25
N LEU B 217 -14.98 1.32 14.40
CA LEU B 217 -15.91 0.90 15.45
C LEU B 217 -16.46 -0.49 15.16
N GLN B 218 -16.83 -0.74 13.90
CA GLN B 218 -17.38 -2.04 13.51
C GLN B 218 -16.41 -3.18 13.84
N LEU B 219 -15.14 -3.02 13.49
CA LEU B 219 -14.16 -4.08 13.75
C LEU B 219 -13.93 -4.25 15.24
N LYS B 220 -13.97 -3.16 16.00
CA LYS B 220 -13.84 -3.30 17.45
C LYS B 220 -14.99 -4.10 18.02
N LEU B 221 -16.21 -3.88 17.52
CA LEU B 221 -17.38 -4.52 18.11
C LEU B 221 -17.51 -5.96 17.65
N ASN B 222 -17.27 -6.24 16.37
CA ASN B 222 -17.45 -7.56 15.77
C ASN B 222 -16.23 -8.47 15.93
N HIS B 223 -15.08 -7.93 16.31
CA HIS B 223 -13.86 -8.72 16.51
C HIS B 223 -13.11 -8.19 17.73
N PRO B 224 -13.76 -8.19 18.89
CA PRO B 224 -13.14 -7.57 20.07
C PRO B 224 -11.85 -8.20 20.50
N GLU B 225 -11.67 -9.52 20.30
CA GLU B 225 -10.48 -10.22 20.73
C GLU B 225 -9.35 -10.18 19.70
N SER B 226 -9.46 -9.31 18.70
CA SER B 226 -8.56 -9.26 17.55
C SER B 226 -7.94 -7.86 17.49
N SER B 227 -6.77 -7.71 18.08
CA SER B 227 -6.14 -6.40 18.17
C SER B 227 -5.55 -5.94 16.84
N GLN B 228 -5.65 -4.64 16.59
CA GLN B 228 -5.08 -3.99 15.40
C GLN B 228 -5.63 -4.58 14.11
N LEU B 229 -6.89 -5.04 14.11
CA LEU B 229 -7.47 -5.52 12.87
C LEU B 229 -7.67 -4.37 11.89
N PHE B 230 -8.10 -3.22 12.41
CA PHE B 230 -8.20 -2.01 11.61
C PHE B 230 -6.90 -1.74 10.87
N ALA B 231 -5.80 -1.61 11.61
CA ALA B 231 -4.51 -1.35 10.97
C ALA B 231 -4.18 -2.45 9.97
N LYS B 232 -4.37 -3.72 10.37
CA LYS B 232 -4.07 -4.83 9.47
C LYS B 232 -4.95 -4.79 8.24
N LEU B 233 -6.23 -4.45 8.41
CA LEU B 233 -7.11 -4.37 7.26
C LEU B 233 -6.76 -3.19 6.35
N LEU B 234 -6.30 -2.06 6.90
CA LEU B 234 -5.91 -0.97 6.01
C LEU B 234 -4.65 -1.30 5.22
N GLN B 235 -3.72 -2.02 5.85
CA GLN B 235 -2.49 -2.41 5.16
C GLN B 235 -2.79 -3.25 3.92
N LYS B 236 -3.73 -4.19 4.01
CA LYS B 236 -4.15 -4.94 2.82
C LYS B 236 -4.74 -4.03 1.75
N MET B 237 -5.42 -2.95 2.17
CA MET B 237 -6.16 -2.08 1.26
C MET B 237 -5.25 -1.36 0.27
N THR B 238 -4.06 -0.95 0.70
CA THR B 238 -3.17 -0.31 -0.26
C THR B 238 -2.39 -1.33 -1.09
N ASP B 239 -2.13 -2.54 -0.54
CA ASP B 239 -1.53 -3.61 -1.33
C ASP B 239 -2.25 -3.76 -2.66
N LEU B 240 -3.58 -3.85 -2.61
CA LEU B 240 -4.46 -4.03 -3.74
C LEU B 240 -4.07 -3.13 -4.91
N ARG B 241 -3.55 -1.92 -4.63
CA ARG B 241 -3.10 -1.03 -5.69
C ARG B 241 -2.11 -1.75 -6.60
N GLN B 242 -1.11 -2.42 -6.01
CA GLN B 242 -0.06 -3.04 -6.81
C GLN B 242 -0.53 -4.35 -7.43
N ILE B 243 -1.21 -5.21 -6.66
CA ILE B 243 -1.78 -6.43 -7.26
C ILE B 243 -2.65 -6.08 -8.45
N VAL B 244 -3.33 -4.93 -8.41
CA VAL B 244 -4.18 -4.54 -9.54
C VAL B 244 -3.33 -4.17 -10.75
N THR B 245 -2.31 -3.34 -10.57
CA THR B 245 -1.49 -2.98 -11.73
C THR B 245 -0.75 -4.19 -12.26
N GLU B 246 -0.30 -5.08 -11.38
CA GLU B 246 0.31 -6.33 -11.82
C GLU B 246 -0.69 -7.18 -12.60
N HIS B 247 -1.97 -7.11 -12.22
CA HIS B 247 -3.01 -7.77 -12.99
C HIS B 247 -3.14 -7.13 -14.38
N VAL B 248 -3.18 -5.79 -14.42
CA VAL B 248 -3.30 -5.08 -15.70
C VAL B 248 -2.06 -5.30 -16.55
N GLN B 249 -0.90 -5.45 -15.93
CA GLN B 249 0.31 -5.78 -16.68
C GLN B 249 0.12 -7.07 -17.45
N LEU B 250 -0.24 -8.14 -16.74
CA LEU B 250 -0.50 -9.41 -17.41
C LEU B 250 -1.61 -9.28 -18.44
N LEU B 251 -2.68 -8.58 -18.10
CA LEU B 251 -3.80 -8.45 -19.02
C LEU B 251 -3.38 -7.75 -20.30
N GLN B 252 -2.46 -6.76 -20.19
CA GLN B 252 -1.97 -6.09 -21.38
C GLN B 252 -1.16 -7.03 -22.27
N VAL B 253 -0.30 -7.85 -21.67
CA VAL B 253 0.52 -8.78 -22.45
C VAL B 253 -0.36 -9.85 -23.09
N ILE B 254 -1.42 -10.26 -22.38
CA ILE B 254 -2.33 -11.28 -22.93
C ILE B 254 -3.00 -10.73 -24.18
N LYS B 255 -3.55 -9.52 -24.09
CA LYS B 255 -4.22 -8.87 -25.21
C LYS B 255 -3.27 -8.47 -26.30
N LYS B 256 -2.03 -8.93 -26.23
CA LYS B 256 -1.06 -8.77 -27.32
C LYS B 256 -0.95 -10.06 -28.12
N THR B 257 -0.78 -11.19 -27.44
CA THR B 257 -0.80 -12.46 -28.13
C THR B 257 -2.20 -12.79 -28.64
N GLU B 258 -3.18 -12.80 -27.74
CA GLU B 258 -4.52 -13.31 -28.02
C GLU B 258 -5.40 -12.28 -28.73
N THR B 259 -5.67 -12.53 -30.01
CA THR B 259 -6.71 -11.80 -30.72
C THR B 259 -8.10 -12.41 -30.49
N ASP B 260 -8.16 -13.68 -30.10
CA ASP B 260 -9.41 -14.37 -29.76
C ASP B 260 -9.99 -13.95 -28.40
N MET B 261 -9.31 -13.08 -27.65
CA MET B 261 -9.91 -12.43 -26.49
C MET B 261 -10.67 -11.18 -26.93
N SER B 262 -11.93 -11.09 -26.50
CA SER B 262 -12.74 -9.88 -26.59
C SER B 262 -12.95 -9.29 -25.21
N LEU B 263 -12.54 -8.04 -25.00
CA LEU B 263 -12.80 -7.38 -23.74
C LEU B 263 -14.15 -6.68 -23.78
N HIS B 264 -14.83 -6.66 -22.63
CA HIS B 264 -16.14 -6.03 -22.56
C HIS B 264 -15.96 -4.51 -22.59
N PRO B 265 -16.86 -3.77 -23.27
CA PRO B 265 -16.67 -2.29 -23.36
C PRO B 265 -16.56 -1.60 -22.00
N LEU B 266 -17.37 -2.03 -21.03
CA LEU B 266 -17.23 -1.56 -19.64
C LEU B 266 -15.82 -1.80 -19.12
N LEU B 267 -15.33 -3.04 -19.22
CA LEU B 267 -13.95 -3.32 -18.83
C LEU B 267 -12.97 -2.54 -19.68
N GLN B 268 -13.19 -2.52 -21.00
CA GLN B 268 -12.34 -1.77 -21.91
C GLN B 268 -12.12 -0.33 -21.46
N GLU B 269 -13.19 0.40 -21.15
CA GLU B 269 -13.04 1.81 -20.80
C GLU B 269 -12.31 1.98 -19.47
N ILE B 270 -12.55 1.06 -18.53
CA ILE B 270 -11.83 1.10 -17.25
C ILE B 270 -10.33 1.05 -17.48
N TYR B 271 -9.88 0.30 -18.49
CA TYR B 271 -8.44 0.10 -18.65
C TYR B 271 -7.79 1.17 -19.50
N LYS B 272 -8.56 1.83 -20.38
CA LYS B 272 -8.02 2.97 -21.11
C LYS B 272 -7.87 4.11 -20.09
N ASP B 273 -6.76 4.07 -19.37
CA ASP B 273 -6.50 5.05 -18.31
C ASP B 273 -5.46 4.55 -17.32
C15 A1IQ3 C . 18.22 10.72 -0.53
C14 A1IQ3 C . 18.50 11.08 0.87
C12 A1IQ3 C . 18.24 10.59 3.23
C4 A1IQ3 C . 20.73 15.74 -2.82
C3 A1IQ3 C . 22.09 15.87 -2.98
C11 A1IQ3 C . 19.07 12.20 4.98
C16 A1IQ3 C . 17.80 8.15 -2.90
C13 A1IQ3 C . 18.05 10.25 1.90
C7 A1IQ3 C . 20.50 14.16 0.62
C5 A1IQ3 C . 20.21 15.19 -1.66
C27 A1IQ3 C . 17.09 13.28 -3.08
C8 A1IQ3 C . 19.12 12.30 1.22
C26 A1IQ3 C . 16.88 12.39 -4.14
C1 A1IQ3 C . 24.78 16.27 -3.27
C23 A1IQ3 C . 19.89 6.03 -3.00
C25 A1IQ3 C . 17.13 11.05 -3.97
C2 A1IQ3 C . 22.96 15.44 -1.98
C22 A1IQ3 C . 18.71 5.95 -2.06
C24 A1IQ3 C . 17.57 10.63 -2.71
N1 A1IQ3 C . 18.25 9.45 -0.88
C10 A1IQ3 C . 18.88 11.77 3.55
C17 A1IQ3 C . 17.72 6.94 -2.03
C18 A1IQ3 C . 16.66 6.81 -1.13
C19 A1IQ3 C . 16.56 5.71 -0.30
C20 A1IQ3 C . 17.54 4.74 -0.35
C21 A1IQ3 C . 18.60 4.85 -1.22
C28 A1IQ3 C . 17.53 12.89 -1.83
C29 A1IQ3 C . 17.77 11.52 -1.64
C30 A1IQ3 C . 22.43 14.87 -0.83
C6 A1IQ3 C . 21.06 14.75 -0.65
C9 A1IQ3 C . 19.30 12.63 2.54
F1 A1IQ3 C . 20.84 5.19 -2.66
F2 A1IQ3 C . 19.56 5.85 -4.27
F3 A1IQ3 C . 20.50 7.20 -2.97
N2 A1IQ3 C . 17.88 9.37 -2.22
O1 A1IQ3 C . 24.31 15.57 -2.13
O2 A1IQ3 C . 19.58 13.13 0.24
O3 A1IQ3 C . 18.19 11.93 5.84
O4 A1IQ3 C . 20.07 12.89 5.24
O5 A1IQ3 C . 17.77 8.10 -4.11
CL1 A1IQ3 C . 15.40 8.02 -1.05
CL2 A1IQ3 C . 16.75 14.96 -3.38
C15 A1IQ3 D . -12.36 -13.36 -11.61
C14 A1IQ3 D . -13.67 -13.30 -10.93
C12 A1IQ3 D . -15.24 -11.98 -9.65
C4 A1IQ3 D . -13.14 -19.46 -12.85
C3 A1IQ3 D . -13.91 -19.83 -13.95
C11 A1IQ3 D . -17.34 -12.96 -8.71
C16 A1IQ3 D . -10.02 -11.74 -13.69
C13 A1IQ3 D . -14.05 -12.08 -10.35
C7 A1IQ3 D . -15.15 -16.62 -11.40
C5 A1IQ3 D . -13.53 -18.42 -12.03
C27 A1IQ3 D . -9.98 -16.22 -10.98
C8 A1IQ3 D . -14.48 -14.43 -10.71
C26 A1IQ3 D . -8.93 -15.72 -11.76
C1 A1IQ3 D . -17.26 -19.40 -15.21
C23 A1IQ3 D . -10.79 -10.51 -16.29
C25 A1IQ3 D . -9.06 -14.55 -12.46
C2 A1IQ3 D . -15.10 -19.15 -14.20
C22 A1IQ3 D . -10.92 -9.77 -14.99
C24 A1IQ3 D . -10.25 -13.84 -12.31
N1 A1IQ3 D . -11.98 -12.34 -12.38
C10 A1IQ3 D . -16.06 -13.07 -9.49
C17 A1IQ3 D . -10.53 -10.34 -13.78
C18 A1IQ3 D . -10.64 -9.59 -12.61
C19 A1IQ3 D . -11.12 -8.29 -12.64
C20 A1IQ3 D . -11.48 -7.73 -13.84
C21 A1IQ3 D . -11.38 -8.46 -15.00
C28 A1IQ3 D . -11.17 -15.55 -10.84
C29 A1IQ3 D . -11.30 -14.32 -11.52
C30 A1IQ3 D . -15.50 -18.13 -13.37
C6 A1IQ3 D . -14.71 -17.75 -12.28
C9 A1IQ3 D . -15.67 -14.30 -10.03
F1 A1IQ3 D . -11.47 -9.96 -17.28
F2 A1IQ3 D . -11.27 -11.76 -16.22
F3 A1IQ3 D . -9.54 -10.59 -16.71
N2 A1IQ3 D . -10.70 -12.63 -12.84
O1 A1IQ3 D . -15.84 -19.56 -15.29
O2 A1IQ3 D . -14.12 -15.61 -11.27
O3 A1IQ3 D . -18.27 -13.77 -8.94
O4 A1IQ3 D . -17.41 -12.07 -7.83
O5 A1IQ3 D . -9.03 -12.10 -14.31
CL1 A1IQ3 D . -10.19 -10.28 -11.08
CL2 A1IQ3 D . -9.76 -17.74 -10.15
#